data_7HAS
#
_entry.id   7HAS
#
_cell.length_a   67.330
_cell.length_b   91.060
_cell.length_c   98.090
_cell.angle_alpha   90.000
_cell.angle_beta   90.000
_cell.angle_gamma   90.000
#
_symmetry.space_group_name_H-M   'I 2 2 2'
#
loop_
_entity.id
_entity.type
_entity.pdbx_description
1 polymer 'Heat shock protein HSP 90-alpha'
2 non-polymer [6-(pyrrolidin-1-yl)pyridin-2-yl]methanol
3 water water
#
_entity_poly.entity_id   1
_entity_poly.type   'polypeptide(L)'
_entity_poly.pdbx_seq_one_letter_code
;MDQPMEEEEVETFAFQAEIAQLMSLIINTFYSNKEIFLRELISNSSDALDKIRYESLTDPSKLDSGKELHINLIPNKQDR
TLTIVDTGIGMTKADLINNLGTIAKSGTKAFMEALQAGADISMIGQFGVGFYSAYLVAEKVTVITKHNDDEQYAWESSAG
GSFTVRTDTGEPMGRGTKVILHLKEDQTEYLEERRIKEIVKKHSQFIGYPITLFVEKERDKEVSDDEAELEHHHHHH
;
_entity_poly.pdbx_strand_id   A
#
loop_
_chem_comp.id
_chem_comp.type
_chem_comp.name
_chem_comp.formula
A1AYY non-polymer [6-(pyrrolidin-1-yl)pyridin-2-yl]methanol 'C10 H14 N2 O'
#
# COMPACT_ATOMS: atom_id res chain seq x y z
N GLU A 9 -22.51 -6.83 1.09
CA GLU A 9 -22.01 -8.20 1.21
C GLU A 9 -20.49 -8.21 1.39
N VAL A 10 -20.05 -8.51 2.60
CA VAL A 10 -18.64 -8.48 2.97
C VAL A 10 -18.15 -9.91 3.16
N GLU A 11 -17.10 -10.29 2.44
CA GLU A 11 -16.48 -11.59 2.57
C GLU A 11 -15.25 -11.49 3.48
N THR A 12 -15.13 -12.43 4.40
CA THR A 12 -13.99 -12.48 5.32
C THR A 12 -13.10 -13.66 4.96
N PHE A 13 -11.80 -13.39 4.87
CA PHE A 13 -10.80 -14.40 4.53
C PHE A 13 -9.74 -14.45 5.61
N ALA A 14 -9.14 -15.62 5.79
CA ALA A 14 -7.98 -15.75 6.66
C ALA A 14 -6.71 -15.53 5.85
N PHE A 15 -5.78 -14.77 6.41
CA PHE A 15 -4.45 -14.71 5.83
C PHE A 15 -3.83 -16.10 5.85
N GLN A 16 -2.91 -16.34 4.92
CA GLN A 16 -2.07 -17.51 5.05
C GLN A 16 -1.25 -17.39 6.33
N ALA A 17 -0.93 -18.55 6.91
CA ALA A 17 -0.22 -18.55 8.20
C ALA A 17 1.07 -17.75 8.12
N GLU A 18 1.77 -17.82 6.99
CA GLU A 18 3.04 -17.10 6.85
C GLU A 18 2.82 -15.59 6.85
N ILE A 19 1.80 -15.13 6.13
CA ILE A 19 1.50 -13.70 6.08
C ILE A 19 1.04 -13.21 7.45
N ALA A 20 0.16 -13.98 8.11
CA ALA A 20 -0.28 -13.60 9.45
C ALA A 20 0.90 -13.51 10.41
N GLN A 21 1.85 -14.43 10.29
CA GLN A 21 3.04 -14.37 11.13
C GLN A 21 3.89 -13.14 10.79
N LEU A 22 3.99 -12.79 9.50
CA LEU A 22 4.73 -11.60 9.11
C LEU A 22 4.11 -10.34 9.70
N MET A 23 2.78 -10.21 9.62
CA MET A 23 2.11 -9.03 10.14
C MET A 23 2.29 -8.93 11.65
N SER A 24 2.28 -10.06 12.35
CA SER A 24 2.47 -10.03 13.79
C SER A 24 3.88 -9.59 14.16
N LEU A 25 4.87 -10.02 13.38
CA LEU A 25 6.24 -9.56 13.63
C LEU A 25 6.36 -8.06 13.42
N ILE A 26 5.76 -7.55 12.34
CA ILE A 26 5.83 -6.12 12.05
C ILE A 26 5.17 -5.31 13.16
N ILE A 27 4.06 -5.82 13.71
CA ILE A 27 3.32 -5.07 14.72
C ILE A 27 4.03 -5.15 16.07
N ASN A 28 4.62 -6.29 16.38
CA ASN A 28 5.11 -6.53 17.74
C ASN A 28 6.61 -6.34 17.91
N THR A 29 7.39 -6.31 16.83
CA THR A 29 8.83 -6.10 16.98
C THR A 29 9.11 -4.64 17.30
N PHE A 30 9.96 -4.40 18.29
CA PHE A 30 10.39 -3.04 18.58
C PHE A 30 11.32 -2.55 17.47
N TYR A 31 10.90 -1.49 16.78
CA TYR A 31 11.66 -0.99 15.63
C TYR A 31 11.25 0.46 15.43
N SER A 32 12.19 1.38 15.64
CA SER A 32 11.86 2.79 15.70
C SER A 32 11.80 3.47 14.34
N ASN A 33 12.46 2.89 13.33
CA ASN A 33 12.53 3.51 12.00
C ASN A 33 11.27 3.19 11.19
N LYS A 34 10.13 3.64 11.72
CA LYS A 34 8.84 3.33 11.11
C LYS A 34 8.60 4.09 9.81
N GLU A 35 9.33 5.19 9.57
CA GLU A 35 9.03 6.06 8.44
C GLU A 35 9.21 5.37 7.10
N ILE A 36 9.93 4.24 7.05
CA ILE A 36 10.14 3.54 5.80
C ILE A 36 8.84 3.01 5.19
N PHE A 37 7.74 3.03 5.95
CA PHE A 37 6.46 2.59 5.39
C PHE A 37 6.08 3.43 4.18
N LEU A 38 6.37 4.74 4.20
CA LEU A 38 5.96 5.60 3.10
C LEU A 38 6.78 5.31 1.86
N ARG A 39 8.09 5.09 2.00
CA ARG A 39 8.92 4.70 0.87
C ARG A 39 8.40 3.41 0.24
N GLU A 40 7.98 2.45 1.06
CA GLU A 40 7.52 1.17 0.51
C GLU A 40 6.21 1.33 -0.25
N LEU A 41 5.28 2.14 0.26
CA LEU A 41 4.00 2.32 -0.41
C LEU A 41 4.14 3.17 -1.67
N ILE A 42 5.02 4.17 -1.63
CA ILE A 42 5.29 4.96 -2.84
C ILE A 42 5.97 4.09 -3.88
N SER A 43 6.90 3.23 -3.46
CA SER A 43 7.55 2.30 -4.39
C SER A 43 6.52 1.37 -5.02
N ASN A 44 5.56 0.89 -4.22
CA ASN A 44 4.49 0.06 -4.77
C ASN A 44 3.68 0.82 -5.80
N SER A 45 3.39 2.10 -5.52
CA SER A 45 2.62 2.91 -6.46
C SER A 45 3.39 3.15 -7.75
N SER A 46 4.70 3.40 -7.63
CA SER A 46 5.51 3.62 -8.82
C SER A 46 5.55 2.37 -9.70
N ASP A 47 5.63 1.18 -9.08
CA ASP A 47 5.60 -0.05 -9.85
C ASP A 47 4.25 -0.24 -10.55
N ALA A 48 3.16 0.05 -9.85
CA ALA A 48 1.84 -0.06 -10.47
C ALA A 48 1.66 0.93 -11.60
N LEU A 49 2.28 2.11 -11.52
CA LEU A 49 2.20 3.08 -12.60
C LEU A 49 3.09 2.67 -13.77
N ASP A 50 4.27 2.11 -13.47
CA ASP A 50 5.12 1.58 -14.53
C ASP A 50 4.37 0.52 -15.35
N LYS A 51 3.60 -0.34 -14.67
CA LYS A 51 2.94 -1.44 -15.36
C LYS A 51 1.85 -0.93 -16.31
N ILE A 52 1.07 0.06 -15.89
CA ILE A 52 0.01 0.54 -16.76
C ILE A 52 0.60 1.38 -17.89
N ARG A 53 1.69 2.12 -17.63
CA ARG A 53 2.32 2.87 -18.70
C ARG A 53 2.88 1.95 -19.77
N TYR A 54 3.51 0.85 -19.37
CA TYR A 54 4.05 -0.09 -20.34
C TYR A 54 2.94 -0.77 -21.13
N GLU A 55 1.89 -1.23 -20.44
CA GLU A 55 0.79 -1.92 -21.13
C GLU A 55 0.10 -1.00 -22.13
N SER A 56 0.05 0.31 -21.85
CA SER A 56 -0.62 1.24 -22.74
C SER A 56 0.17 1.53 -24.01
N LEU A 57 1.46 1.17 -24.05
CA LEU A 57 2.25 1.35 -25.26
C LEU A 57 1.73 0.49 -26.40
N THR A 58 1.33 -0.74 -26.09
CA THR A 58 0.80 -1.66 -27.08
C THR A 58 -0.72 -1.69 -27.11
N ASP A 59 -1.38 -0.89 -26.27
CA ASP A 59 -2.83 -0.81 -26.22
C ASP A 59 -3.23 0.53 -25.61
N PRO A 60 -3.29 1.59 -26.41
CA PRO A 60 -3.58 2.93 -25.84
C PRO A 60 -4.93 3.02 -25.15
N SER A 61 -5.89 2.15 -25.49
CA SER A 61 -7.21 2.20 -24.89
C SER A 61 -7.20 1.83 -23.40
N LYS A 62 -6.09 1.28 -22.89
CA LYS A 62 -6.01 0.99 -21.46
C LYS A 62 -5.97 2.25 -20.62
N LEU A 63 -5.69 3.40 -21.23
CA LEU A 63 -5.70 4.67 -20.51
C LEU A 63 -7.03 5.42 -20.63
N ASP A 64 -8.05 4.78 -21.23
CA ASP A 64 -9.37 5.40 -21.28
C ASP A 64 -9.92 5.66 -19.87
N SER A 65 -9.52 4.84 -18.90
CA SER A 65 -9.90 5.02 -17.51
C SER A 65 -9.07 6.10 -16.80
N GLY A 66 -8.24 6.83 -17.53
CA GLY A 66 -7.43 7.88 -16.94
C GLY A 66 -6.04 7.98 -17.53
N LYS A 67 -5.72 9.13 -18.14
CA LYS A 67 -4.42 9.31 -18.77
C LYS A 67 -3.34 9.71 -17.78
N GLU A 68 -3.72 10.37 -16.68
CA GLU A 68 -2.75 10.91 -15.75
C GLU A 68 -2.13 9.80 -14.90
N LEU A 69 -0.81 9.83 -14.78
CA LEU A 69 -0.05 8.86 -13.97
C LEU A 69 0.64 9.66 -12.87
N HIS A 70 0.09 9.59 -11.66
CA HIS A 70 0.60 10.40 -10.57
C HIS A 70 0.38 9.69 -9.24
N ILE A 71 0.95 10.26 -8.19
CA ILE A 71 0.79 9.79 -6.82
C ILE A 71 0.37 10.98 -5.96
N ASN A 72 -0.65 10.78 -5.14
CA ASN A 72 -1.15 11.82 -4.24
C ASN A 72 -1.05 11.33 -2.81
N LEU A 73 -0.56 12.20 -1.92
CA LEU A 73 -0.46 11.92 -0.50
C LEU A 73 -1.42 12.87 0.21
N ILE A 74 -2.42 12.30 0.88
CA ILE A 74 -3.52 13.08 1.44
C ILE A 74 -3.62 12.78 2.93
N PRO A 75 -3.16 13.68 3.78
CA PRO A 75 -3.36 13.54 5.23
C PRO A 75 -4.68 14.15 5.68
N ASN A 76 -5.24 13.56 6.74
CA ASN A 76 -6.53 14.01 7.28
C ASN A 76 -6.49 13.85 8.79
N LYS A 77 -6.29 14.96 9.51
CA LYS A 77 -6.15 14.89 10.96
C LYS A 77 -7.47 14.57 11.65
N GLN A 78 -8.60 14.93 11.04
CA GLN A 78 -9.89 14.64 11.65
C GLN A 78 -10.17 13.15 11.68
N ASP A 79 -9.96 12.47 10.55
CA ASP A 79 -10.11 11.02 10.47
C ASP A 79 -8.87 10.28 10.96
N ARG A 80 -7.76 10.98 11.18
CA ARG A 80 -6.47 10.38 11.51
C ARG A 80 -6.06 9.35 10.46
N THR A 81 -6.09 9.77 9.20
CA THR A 81 -5.78 8.89 8.08
C THR A 81 -4.74 9.54 7.19
N LEU A 82 -3.86 8.71 6.64
CA LEU A 82 -2.95 9.10 5.58
C LEU A 82 -3.26 8.24 4.36
N THR A 83 -3.61 8.87 3.25
CA THR A 83 -4.02 8.17 2.05
C THR A 83 -2.97 8.33 0.96
N ILE A 84 -2.52 7.21 0.41
CA ILE A 84 -1.61 7.19 -0.72
C ILE A 84 -2.42 6.75 -1.94
N VAL A 85 -2.65 7.68 -2.87
CA VAL A 85 -3.43 7.44 -4.07
C VAL A 85 -2.48 7.39 -5.25
N ASP A 86 -2.66 6.39 -6.12
CA ASP A 86 -1.97 6.34 -7.40
C ASP A 86 -2.97 5.96 -8.48
N THR A 87 -2.67 6.36 -9.71
CA THR A 87 -3.47 5.97 -10.87
C THR A 87 -2.79 4.85 -11.66
N GLY A 88 -2.21 3.88 -10.95
CA GLY A 88 -1.55 2.76 -11.58
C GLY A 88 -2.50 1.72 -12.14
N ILE A 89 -1.99 0.51 -12.38
CA ILE A 89 -2.78 -0.52 -13.06
C ILE A 89 -3.96 -1.02 -12.21
N GLY A 90 -3.91 -0.86 -10.89
CA GLY A 90 -4.96 -1.36 -10.03
C GLY A 90 -4.85 -2.86 -9.82
N MET A 91 -5.74 -3.39 -8.98
CA MET A 91 -5.72 -4.79 -8.59
C MET A 91 -7.09 -5.41 -8.78
N THR A 92 -7.11 -6.62 -9.33
CA THR A 92 -8.36 -7.35 -9.49
C THR A 92 -8.73 -8.04 -8.18
N LYS A 93 -9.94 -8.61 -8.17
CA LYS A 93 -10.36 -9.38 -7.00
C LYS A 93 -9.45 -10.57 -6.76
N ALA A 94 -9.04 -11.26 -7.83
CA ALA A 94 -8.14 -12.39 -7.69
C ALA A 94 -6.79 -11.96 -7.12
N ASP A 95 -6.33 -10.75 -7.47
CA ASP A 95 -5.11 -10.22 -6.87
C ASP A 95 -5.26 -10.11 -5.35
N LEU A 96 -6.35 -9.48 -4.90
CA LEU A 96 -6.53 -9.21 -3.48
C LEU A 96 -6.70 -10.49 -2.66
N ILE A 97 -7.34 -11.51 -3.23
CA ILE A 97 -7.68 -12.71 -2.47
C ILE A 97 -6.61 -13.78 -2.62
N ASN A 98 -6.06 -13.98 -3.82
CA ASN A 98 -5.21 -15.13 -4.10
C ASN A 98 -3.80 -14.74 -4.55
N ASN A 99 -3.67 -13.95 -5.62
CA ASN A 99 -2.40 -13.85 -6.33
C ASN A 99 -1.33 -13.19 -5.48
N LEU A 100 -1.66 -12.08 -4.82
CA LEU A 100 -0.65 -11.33 -4.08
C LEU A 100 -0.13 -12.11 -2.89
N GLY A 101 -1.03 -12.76 -2.14
CA GLY A 101 -0.60 -13.58 -1.02
C GLY A 101 0.20 -14.79 -1.46
N THR A 102 -0.13 -15.34 -2.62
CA THR A 102 0.65 -16.47 -3.15
C THR A 102 2.07 -16.05 -3.47
N ILE A 103 2.24 -14.88 -4.11
CA ILE A 103 3.57 -14.37 -4.41
C ILE A 103 4.30 -14.01 -3.12
N ALA A 104 3.58 -13.42 -2.17
CA ALA A 104 4.20 -12.94 -0.93
C ALA A 104 4.62 -14.08 0.00
N LYS A 105 4.19 -15.32 -0.25
CA LYS A 105 4.58 -16.43 0.61
C LYS A 105 6.08 -16.66 0.56
N SER A 106 6.66 -16.69 -0.65
CA SER A 106 8.10 -16.90 -0.78
C SER A 106 8.89 -15.73 -0.24
N GLY A 107 8.43 -14.50 -0.52
CA GLY A 107 9.15 -13.33 -0.03
C GLY A 107 9.13 -13.23 1.48
N THR A 108 8.01 -13.62 2.10
CA THR A 108 7.92 -13.60 3.56
C THR A 108 8.90 -14.58 4.19
N LYS A 109 8.97 -15.80 3.65
CA LYS A 109 9.91 -16.78 4.17
C LYS A 109 11.35 -16.29 4.02
N ALA A 110 11.69 -15.71 2.87
CA ALA A 110 13.03 -15.19 2.66
C ALA A 110 13.31 -14.01 3.59
N PHE A 111 12.32 -13.12 3.75
CA PHE A 111 12.49 -11.96 4.63
C PHE A 111 12.76 -12.37 6.06
N MET A 112 11.99 -13.34 6.56
CA MET A 112 12.13 -13.72 7.96
C MET A 112 13.41 -14.51 8.22
N GLU A 113 13.86 -15.30 7.24
CA GLU A 113 15.18 -15.91 7.37
C GLU A 113 16.27 -14.85 7.40
N ALA A 114 16.12 -13.80 6.59
CA ALA A 114 17.10 -12.71 6.59
C ALA A 114 17.09 -11.98 7.93
N LEU A 115 15.91 -11.74 8.49
CA LEU A 115 15.82 -11.09 9.79
C LEU A 115 16.54 -11.89 10.86
N GLN A 116 16.41 -13.22 10.83
CA GLN A 116 17.13 -14.07 11.76
C GLN A 116 18.63 -14.06 11.52
N ALA A 117 19.06 -13.70 10.31
CA ALA A 117 20.47 -13.67 9.95
C ALA A 117 21.12 -12.30 10.17
N GLY A 118 20.38 -11.33 10.68
CA GLY A 118 20.93 -10.01 10.99
C GLY A 118 20.33 -8.87 10.21
N ALA A 119 19.49 -9.11 9.21
CA ALA A 119 18.83 -8.03 8.49
C ALA A 119 17.83 -7.34 9.40
N ASP A 120 17.35 -6.18 8.96
CA ASP A 120 16.37 -5.41 9.72
C ASP A 120 15.14 -5.15 8.88
N ILE A 121 14.12 -4.57 9.54
CA ILE A 121 12.80 -4.45 8.93
C ILE A 121 12.81 -3.51 7.74
N SER A 122 13.72 -2.52 7.71
CA SER A 122 13.75 -1.57 6.61
C SER A 122 14.09 -2.23 5.28
N MET A 123 14.64 -3.45 5.28
CA MET A 123 14.95 -4.15 4.04
C MET A 123 13.77 -4.97 3.52
N ILE A 124 12.57 -4.74 4.07
CA ILE A 124 11.40 -5.54 3.70
C ILE A 124 11.08 -5.37 2.22
N GLY A 125 11.43 -4.22 1.63
CA GLY A 125 11.11 -4.00 0.23
C GLY A 125 11.85 -4.92 -0.73
N GLN A 126 13.06 -5.34 -0.36
CA GLN A 126 13.83 -6.24 -1.20
C GLN A 126 13.23 -7.63 -1.28
N PHE A 127 12.16 -7.91 -0.54
CA PHE A 127 11.55 -9.23 -0.53
C PHE A 127 10.13 -9.22 -1.09
N GLY A 128 9.68 -8.09 -1.62
CA GLY A 128 8.40 -8.01 -2.28
C GLY A 128 7.19 -7.92 -1.37
N VAL A 129 7.39 -7.70 -0.07
CA VAL A 129 6.26 -7.66 0.87
C VAL A 129 6.25 -6.32 1.59
N GLY A 130 6.74 -5.27 0.93
CA GLY A 130 6.79 -3.95 1.54
C GLY A 130 5.45 -3.37 1.91
N PHE A 131 4.36 -3.86 1.28
CA PHE A 131 3.04 -3.34 1.59
C PHE A 131 2.71 -3.52 3.07
N TYR A 132 3.09 -4.66 3.66
CA TYR A 132 2.74 -4.91 5.05
C TYR A 132 3.48 -4.02 6.03
N SER A 133 4.51 -3.29 5.57
CA SER A 133 5.14 -2.28 6.42
C SER A 133 4.17 -1.18 6.82
N ALA A 134 3.01 -1.10 6.16
CA ALA A 134 1.98 -0.13 6.56
C ALA A 134 1.54 -0.33 7.99
N TYR A 135 1.65 -1.55 8.51
CA TYR A 135 1.23 -1.84 9.89
C TYR A 135 2.28 -1.44 10.92
N LEU A 136 3.37 -0.80 10.50
CA LEU A 136 4.25 -0.13 11.45
C LEU A 136 3.57 1.09 12.05
N VAL A 137 2.70 1.74 11.28
CA VAL A 137 2.08 2.99 11.71
C VAL A 137 0.56 2.92 11.75
N ALA A 138 -0.07 1.93 11.10
CA ALA A 138 -1.52 1.87 10.97
C ALA A 138 -2.07 0.73 11.80
N GLU A 139 -3.14 1.01 12.55
CA GLU A 139 -3.88 -0.04 13.23
C GLU A 139 -4.85 -0.76 12.29
N LYS A 140 -5.24 -0.10 11.20
CA LYS A 140 -6.12 -0.67 10.20
C LYS A 140 -5.74 -0.08 8.85
N VAL A 141 -5.81 -0.89 7.80
CA VAL A 141 -5.47 -0.47 6.45
C VAL A 141 -6.65 -0.80 5.54
N THR A 142 -7.11 0.19 4.79
CA THR A 142 -8.15 0.02 3.78
C THR A 142 -7.56 0.28 2.41
N VAL A 143 -7.81 -0.62 1.47
CA VAL A 143 -7.29 -0.50 0.11
C VAL A 143 -8.47 -0.46 -0.85
N ILE A 144 -8.64 0.66 -1.54
CA ILE A 144 -9.62 0.78 -2.61
C ILE A 144 -8.87 0.68 -3.92
N THR A 145 -9.29 -0.24 -4.79
CA THR A 145 -8.54 -0.49 -6.00
C THR A 145 -9.49 -0.77 -7.15
N LYS A 146 -9.09 -0.35 -8.34
CA LYS A 146 -9.89 -0.53 -9.55
C LYS A 146 -8.96 -0.90 -10.70
N HIS A 147 -9.14 -2.11 -11.23
CA HIS A 147 -8.40 -2.58 -12.39
C HIS A 147 -9.30 -2.49 -13.62
N ASN A 148 -8.69 -2.31 -14.79
CA ASN A 148 -9.46 -2.16 -16.02
C ASN A 148 -10.36 -3.36 -16.29
N ASP A 149 -9.98 -4.55 -15.84
CA ASP A 149 -10.70 -5.78 -16.15
C ASP A 149 -11.63 -6.24 -15.03
N ASP A 150 -11.75 -5.48 -13.95
CA ASP A 150 -12.56 -5.90 -12.80
C ASP A 150 -13.33 -4.71 -12.25
N GLU A 151 -14.09 -4.96 -11.19
CA GLU A 151 -14.87 -3.92 -10.53
C GLU A 151 -14.01 -3.20 -9.48
N GLN A 152 -14.57 -2.16 -8.87
CA GLN A 152 -13.91 -1.47 -7.78
C GLN A 152 -14.14 -2.23 -6.48
N TYR A 153 -13.05 -2.57 -5.78
CA TYR A 153 -13.13 -3.37 -4.57
C TYR A 153 -12.51 -2.63 -3.40
N ALA A 154 -12.97 -2.99 -2.20
CA ALA A 154 -12.42 -2.47 -0.95
C ALA A 154 -11.85 -3.63 -0.16
N TRP A 155 -10.54 -3.58 0.10
CA TRP A 155 -9.84 -4.54 0.92
C TRP A 155 -9.57 -3.88 2.27
N GLU A 156 -9.73 -4.65 3.35
CA GLU A 156 -9.54 -4.07 4.68
C GLU A 156 -8.99 -5.13 5.63
N SER A 157 -8.08 -4.69 6.52
CA SER A 157 -7.60 -5.57 7.56
C SER A 157 -7.05 -4.77 8.73
N SER A 158 -7.44 -5.15 9.94
CA SER A 158 -6.81 -4.70 11.16
C SER A 158 -5.85 -5.75 11.70
N ALA A 159 -5.26 -6.56 10.81
CA ALA A 159 -4.41 -7.69 11.17
C ALA A 159 -5.26 -8.65 12.01
N GLY A 160 -4.64 -9.37 12.94
CA GLY A 160 -5.38 -10.37 13.68
C GLY A 160 -5.70 -11.64 12.91
N GLY A 161 -5.11 -11.81 11.73
CA GLY A 161 -5.24 -13.05 10.98
C GLY A 161 -6.32 -13.06 9.92
N SER A 162 -7.03 -11.96 9.69
CA SER A 162 -8.13 -11.97 8.73
C SER A 162 -8.20 -10.63 8.01
N PHE A 163 -8.78 -10.68 6.82
CA PHE A 163 -9.06 -9.48 6.05
C PHE A 163 -10.42 -9.64 5.39
N THR A 164 -10.98 -8.53 4.93
CA THR A 164 -12.28 -8.52 4.27
C THR A 164 -12.16 -7.91 2.88
N VAL A 165 -13.04 -8.37 1.99
CA VAL A 165 -13.15 -7.83 0.63
C VAL A 165 -14.63 -7.61 0.33
N ARG A 166 -14.95 -6.46 -0.24
CA ARG A 166 -16.30 -6.18 -0.72
C ARG A 166 -16.21 -5.32 -1.97
N THR A 167 -17.31 -5.32 -2.73
CA THR A 167 -17.49 -4.36 -3.80
C THR A 167 -17.67 -2.98 -3.20
N ASP A 168 -16.89 -2.02 -3.69
CA ASP A 168 -16.92 -0.66 -3.15
C ASP A 168 -18.00 0.14 -3.86
N THR A 169 -18.85 0.82 -3.08
CA THR A 169 -19.92 1.65 -3.61
C THR A 169 -19.59 3.14 -3.53
N GLY A 170 -18.43 3.50 -2.98
CA GLY A 170 -18.05 4.89 -2.84
C GLY A 170 -17.77 5.58 -4.16
N GLU A 171 -17.06 6.71 -4.10
CA GLU A 171 -16.75 7.47 -5.31
C GLU A 171 -15.92 6.63 -6.28
N PRO A 172 -16.37 6.46 -7.53
CA PRO A 172 -15.58 5.69 -8.49
C PRO A 172 -14.21 6.30 -8.70
N MET A 173 -13.24 5.42 -8.96
CA MET A 173 -11.83 5.81 -9.02
C MET A 173 -11.26 5.86 -10.42
N GLY A 174 -11.95 5.32 -11.43
CA GLY A 174 -11.42 5.25 -12.77
C GLY A 174 -10.45 4.10 -12.90
N ARG A 175 -9.29 4.21 -12.27
CA ARG A 175 -8.28 3.16 -12.29
C ARG A 175 -7.18 3.53 -11.30
N GLY A 176 -6.70 2.54 -10.55
CA GLY A 176 -5.59 2.76 -9.66
C GLY A 176 -5.85 2.17 -8.30
N THR A 177 -5.09 2.63 -7.32
CA THR A 177 -5.15 2.07 -5.98
C THR A 177 -5.07 3.21 -4.97
N LYS A 178 -5.87 3.07 -3.90
CA LYS A 178 -5.93 4.05 -2.83
C LYS A 178 -5.69 3.29 -1.52
N VAL A 179 -4.59 3.58 -0.85
CA VAL A 179 -4.23 2.93 0.41
C VAL A 179 -4.52 3.91 1.53
N ILE A 180 -5.51 3.59 2.37
CA ILE A 180 -5.92 4.43 3.49
C ILE A 180 -5.32 3.86 4.76
N LEU A 181 -4.45 4.64 5.41
CA LEU A 181 -3.78 4.21 6.63
C LEU A 181 -4.50 4.85 7.82
N HIS A 182 -5.20 4.02 8.60
CA HIS A 182 -5.79 4.46 9.85
C HIS A 182 -4.69 4.40 10.91
N LEU A 183 -4.08 5.54 11.20
CA LEU A 183 -2.85 5.56 11.97
C LEU A 183 -3.08 5.23 13.43
N LYS A 184 -2.09 4.58 14.04
CA LYS A 184 -2.09 4.38 15.49
C LYS A 184 -2.06 5.73 16.20
N GLU A 185 -2.54 5.74 17.44
CA GLU A 185 -2.71 6.98 18.18
C GLU A 185 -1.39 7.73 18.36
N ASP A 186 -0.27 7.01 18.48
CA ASP A 186 1.02 7.64 18.71
C ASP A 186 1.83 7.83 17.44
N GLN A 187 1.22 7.65 16.27
CA GLN A 187 1.91 7.82 14.99
C GLN A 187 1.35 8.97 14.17
N THR A 188 0.72 9.95 14.83
CA THR A 188 0.11 11.06 14.09
C THR A 188 1.12 12.03 13.52
N GLU A 189 2.42 11.85 13.76
CA GLU A 189 3.42 12.71 13.15
C GLU A 189 3.39 12.59 11.63
N TYR A 190 2.97 11.44 11.11
CA TYR A 190 2.91 11.23 9.67
C TYR A 190 1.70 11.88 9.03
N LEU A 191 1.00 12.75 9.76
CA LEU A 191 -0.01 13.63 9.19
C LEU A 191 0.49 15.05 9.01
N GLU A 192 1.66 15.38 9.54
CA GLU A 192 2.20 16.73 9.44
C GLU A 192 2.91 16.92 8.10
N GLU A 193 2.68 18.08 7.48
CA GLU A 193 3.25 18.37 6.17
C GLU A 193 4.77 18.34 6.22
N ARG A 194 5.36 18.99 7.22
CA ARG A 194 6.82 19.04 7.33
C ARG A 194 7.42 17.64 7.45
N ARG A 195 6.72 16.72 8.11
CA ARG A 195 7.25 15.38 8.31
C ARG A 195 7.15 14.55 7.04
N ILE A 196 6.02 14.64 6.33
CA ILE A 196 5.86 13.90 5.08
C ILE A 196 6.82 14.42 4.03
N LYS A 197 7.00 15.75 3.97
CA LYS A 197 7.97 16.34 3.03
C LYS A 197 9.36 15.78 3.27
N GLU A 198 9.77 15.72 4.54
CA GLU A 198 11.09 15.22 4.88
C GLU A 198 11.28 13.77 4.47
N ILE A 199 10.25 12.94 4.67
CA ILE A 199 10.37 11.52 4.33
C ILE A 199 10.45 11.33 2.81
N VAL A 200 9.61 12.04 2.06
CA VAL A 200 9.64 11.92 0.60
C VAL A 200 10.98 12.38 0.05
N LYS A 201 11.46 13.53 0.52
CA LYS A 201 12.76 14.02 0.08
C LYS A 201 13.88 13.03 0.40
N LYS A 202 13.75 12.30 1.50
CA LYS A 202 14.83 11.42 1.95
C LYS A 202 14.81 10.08 1.22
N HIS A 203 13.63 9.53 0.97
CA HIS A 203 13.51 8.16 0.47
C HIS A 203 12.91 8.02 -0.91
N SER A 204 12.30 9.07 -1.47
CA SER A 204 11.57 8.92 -2.72
C SER A 204 11.82 10.09 -3.66
N GLN A 205 13.00 10.70 -3.60
CA GLN A 205 13.26 11.91 -4.37
C GLN A 205 13.31 11.66 -5.87
N PHE A 206 13.63 10.44 -6.30
CA PHE A 206 13.82 10.13 -7.72
C PHE A 206 12.71 9.26 -8.29
N ILE A 207 11.55 9.21 -7.64
CA ILE A 207 10.39 8.54 -8.22
C ILE A 207 9.99 9.26 -9.50
N GLY A 208 9.77 8.50 -10.56
CA GLY A 208 9.55 9.09 -11.88
C GLY A 208 8.10 9.45 -12.17
N TYR A 209 7.38 9.90 -11.15
CA TYR A 209 5.99 10.31 -11.29
C TYR A 209 5.73 11.47 -10.34
N PRO A 210 4.87 12.41 -10.70
CA PRO A 210 4.61 13.55 -9.81
C PRO A 210 3.96 13.09 -8.51
N ILE A 211 4.60 13.45 -7.40
CA ILE A 211 4.07 13.19 -6.05
C ILE A 211 3.57 14.51 -5.50
N THR A 212 2.26 14.63 -5.32
CA THR A 212 1.65 15.84 -4.78
C THR A 212 1.24 15.59 -3.34
N LEU A 213 1.85 16.34 -2.42
CA LEU A 213 1.49 16.25 -1.01
C LEU A 213 0.38 17.26 -0.74
N PHE A 214 -0.83 16.76 -0.52
CA PHE A 214 -1.95 17.62 -0.18
C PHE A 214 -1.73 18.24 1.20
N VAL A 215 -2.16 19.48 1.35
CA VAL A 215 -2.14 20.15 2.65
C VAL A 215 -3.57 20.23 3.17
N GLU A 216 -3.68 20.44 4.47
CA GLU A 216 -4.96 20.31 5.16
C GLU A 216 -5.64 21.65 5.36
N LYS A 217 -6.97 21.59 5.44
CA LYS A 217 -7.81 22.77 5.67
C LYS A 217 -7.92 23.07 7.17
C1 A1AYY B . 1.97 -8.63 -0.75
C10 A1AYY B . -2.60 -7.05 -0.23
C2 A1AYY B . 1.32 -7.40 -1.31
C3 A1AYY B . 1.98 -6.49 -2.12
C4 A1AYY B . 1.30 -5.39 -2.59
C5 A1AYY B . -0.03 -5.20 -2.26
C6 A1AYY B . -0.62 -6.16 -1.44
C7 A1AYY B . -2.81 -4.99 -1.46
C8 A1AYY B . -3.99 -5.20 -0.54
C9 A1AYY B . -4.05 -6.70 -0.48
N1 A1AYY B . -1.91 -6.07 -1.07
N2 A1AYY B . 0.03 -7.25 -0.98
O1 A1AYY B . 1.02 -9.65 -0.53
#